data_2II2
#
_entry.id   2II2
#
_cell.length_a   45.951
_cell.length_b   60.954
_cell.length_c   119.909
_cell.angle_alpha   90.000
_cell.angle_beta   90.000
_cell.angle_gamma   90.000
#
_symmetry.space_group_name_H-M   'P 21 21 21'
#
loop_
_entity.id
_entity.type
_entity.pdbx_description
1 polymer 'Alpha-11 giardin'
2 non-polymer 'SULFATE ION'
3 water water
#
_entity_poly.entity_id   1
_entity_poly.type   'polypeptide(L)'
_entity_poly.pdbx_seq_one_letter_code
;GPLGSYGDAIPEVKAILEAKNEEELVTFTSRWSAEERKELRTQFQDTTGLEFIAFLKKCIKNGPYEDVMALGWDCNISAR
VNVIKKAMKNVNDFRAIHDVVLIATPDERLKLAQAYKEKTGNDLLQDFVDQIPLTSAASYLCHLAIRENRTPRGSVASDA
EVLKHNLIDADEPDHEAVVRLIITSTADEYKEINHRFEVLTGKSVQEAIETRYADKENARGLCIAHYYNLAPARAVAYAF
HSAVETQNDDMAYEQAARITGLFHDLHKFAWVHYACWGVMRDDILSRFQSKEANKVNFRDACLMFWKLAK
;
_entity_poly.pdbx_strand_id   A
#
loop_
_chem_comp.id
_chem_comp.type
_chem_comp.name
_chem_comp.formula
SO4 non-polymer 'SULFATE ION' 'O4 S -2'
#
# COMPACT_ATOMS: atom_id res chain seq x y z
N TYR A 6 17.58 -25.26 2.28
CA TYR A 6 16.12 -25.35 2.05
C TYR A 6 15.60 -26.78 2.16
N GLY A 7 16.50 -27.77 2.10
CA GLY A 7 16.11 -29.17 2.13
C GLY A 7 15.31 -29.59 3.34
N ASP A 8 15.66 -29.08 4.52
CA ASP A 8 14.89 -29.37 5.73
C ASP A 8 13.68 -28.47 5.85
N ALA A 9 13.84 -27.23 5.38
CA ALA A 9 12.77 -26.26 5.50
C ALA A 9 11.54 -26.59 4.66
N ILE A 10 11.71 -27.25 3.53
CA ILE A 10 10.58 -27.60 2.67
C ILE A 10 9.58 -28.54 3.35
N PRO A 11 10.06 -29.71 3.84
CA PRO A 11 9.11 -30.56 4.58
C PRO A 11 8.57 -29.88 5.85
N GLU A 12 9.41 -29.06 6.48
CA GLU A 12 9.00 -28.32 7.69
C GLU A 12 7.78 -27.46 7.43
N VAL A 13 7.85 -26.64 6.38
CA VAL A 13 6.72 -25.76 6.10
C VAL A 13 5.52 -26.51 5.49
N LYS A 14 5.79 -27.60 4.75
CA LYS A 14 4.68 -28.37 4.22
C LYS A 14 3.84 -28.89 5.38
N ALA A 15 4.54 -29.35 6.43
CA ALA A 15 3.84 -29.87 7.61
C ALA A 15 3.08 -28.77 8.37
N ILE A 16 3.71 -27.60 8.51
CA ILE A 16 3.05 -26.45 9.14
C ILE A 16 1.74 -26.12 8.42
N LEU A 17 1.82 -26.10 7.09
CA LEU A 17 0.66 -25.77 6.29
C LEU A 17 -0.44 -26.84 6.39
N GLU A 18 -0.01 -28.11 6.33
CA GLU A 18 -0.97 -29.20 6.46
C GLU A 18 -1.67 -29.22 7.82
N ALA A 19 -1.00 -28.72 8.85
CA ALA A 19 -1.58 -28.63 10.19
C ALA A 19 -2.39 -27.34 10.37
N LYS A 20 -2.37 -26.45 9.36
CA LYS A 20 -2.99 -25.14 9.45
C LYS A 20 -2.45 -24.38 10.67
N ASN A 21 -1.16 -24.52 10.93
CA ASN A 21 -0.56 -23.91 12.10
C ASN A 21 -0.12 -22.51 11.78
N GLU A 22 -1.05 -21.58 11.94
CA GLU A 22 -0.82 -20.17 11.57
C GLU A 22 0.25 -19.54 12.46
N GLU A 23 0.29 -19.93 13.73
N GLU A 23 0.31 -19.95 13.72
CA GLU A 23 1.29 -19.41 14.66
CA GLU A 23 1.29 -19.39 14.63
C GLU A 23 2.70 -19.79 14.18
C GLU A 23 2.71 -19.80 14.23
N GLU A 24 2.90 -21.07 13.88
CA GLU A 24 4.21 -21.52 13.43
C GLU A 24 4.55 -21.01 12.04
N LEU A 25 3.54 -20.75 11.20
CA LEU A 25 3.84 -20.19 9.89
C LEU A 25 4.48 -18.81 10.03
N VAL A 26 4.02 -18.05 11.01
CA VAL A 26 4.64 -16.73 11.25
C VAL A 26 6.12 -16.85 11.60
N THR A 27 6.43 -17.70 12.57
CA THR A 27 7.82 -17.83 12.98
C THR A 27 8.69 -18.43 11.87
N PHE A 28 8.14 -19.39 11.13
CA PHE A 28 8.86 -19.93 9.98
C PHE A 28 9.21 -18.85 8.96
N THR A 29 8.21 -18.02 8.64
CA THR A 29 8.37 -16.98 7.64
C THR A 29 9.44 -15.99 8.04
N SER A 30 9.58 -15.75 9.34
CA SER A 30 10.52 -14.75 9.86
C SER A 30 11.99 -15.05 9.52
N ARG A 31 12.29 -16.29 9.13
CA ARG A 31 13.66 -16.72 8.95
C ARG A 31 14.32 -16.22 7.69
N TRP A 32 13.51 -15.77 6.72
CA TRP A 32 13.98 -15.65 5.33
C TRP A 32 14.00 -14.24 4.77
N SER A 33 15.09 -13.90 4.07
CA SER A 33 15.14 -12.65 3.30
C SER A 33 14.21 -12.74 2.06
N ALA A 34 13.99 -11.60 1.38
CA ALA A 34 13.22 -11.62 0.14
C ALA A 34 13.84 -12.57 -0.88
N GLU A 35 15.17 -12.54 -1.02
CA GLU A 35 15.86 -13.38 -1.99
C GLU A 35 15.65 -14.86 -1.62
N GLU A 36 15.76 -15.17 -0.32
CA GLU A 36 15.56 -16.52 0.17
C GLU A 36 14.12 -17.00 0.01
N ARG A 37 13.15 -16.11 0.21
CA ARG A 37 11.77 -16.56 0.04
C ARG A 37 11.54 -17.03 -1.38
N LYS A 38 12.12 -16.31 -2.34
CA LYS A 38 11.93 -16.65 -3.75
C LYS A 38 12.59 -18.01 -4.05
N GLU A 39 13.82 -18.17 -3.58
CA GLU A 39 14.52 -19.46 -3.76
C GLU A 39 13.78 -20.61 -3.09
N LEU A 40 13.27 -20.38 -1.88
CA LEU A 40 12.55 -21.40 -1.16
C LEU A 40 11.30 -21.81 -1.95
N ARG A 41 10.55 -20.84 -2.47
CA ARG A 41 9.36 -21.22 -3.25
C ARG A 41 9.72 -22.06 -4.46
N THR A 42 10.81 -21.71 -5.13
CA THR A 42 11.25 -22.46 -6.30
C THR A 42 11.58 -23.90 -5.97
N GLN A 43 12.35 -24.07 -4.91
CA GLN A 43 12.73 -25.41 -4.49
C GLN A 43 11.53 -26.18 -3.95
N PHE A 44 10.63 -25.50 -3.24
CA PHE A 44 9.43 -26.13 -2.71
C PHE A 44 8.65 -26.78 -3.83
N GLN A 45 8.49 -26.06 -4.93
CA GLN A 45 7.71 -26.61 -6.04
C GLN A 45 8.45 -27.74 -6.75
N ASP A 46 9.75 -27.57 -6.93
CA ASP A 46 10.57 -28.64 -7.55
C ASP A 46 10.48 -29.92 -6.75
N THR A 47 10.55 -29.81 -5.43
CA THR A 47 10.57 -30.98 -4.54
C THR A 47 9.17 -31.61 -4.38
N THR A 48 8.15 -30.77 -4.18
CA THR A 48 6.84 -31.27 -3.77
C THR A 48 5.85 -31.41 -4.90
N GLY A 49 6.10 -30.72 -6.01
CA GLY A 49 5.14 -30.65 -7.11
C GLY A 49 4.05 -29.60 -6.93
N LEU A 50 4.08 -28.87 -5.82
CA LEU A 50 3.06 -27.89 -5.44
C LEU A 50 3.61 -26.49 -5.55
N GLU A 51 2.90 -25.63 -6.26
CA GLU A 51 3.18 -24.21 -6.23
C GLU A 51 2.91 -23.64 -4.84
N PHE A 52 3.90 -22.95 -4.27
CA PHE A 52 3.84 -22.62 -2.86
C PHE A 52 2.68 -21.73 -2.44
N ILE A 53 2.43 -20.65 -3.18
CA ILE A 53 1.45 -19.68 -2.77
C ILE A 53 0.05 -20.28 -2.86
N ALA A 54 -0.23 -21.00 -3.94
CA ALA A 54 -1.54 -21.63 -4.05
C ALA A 54 -1.76 -22.67 -2.95
N PHE A 55 -0.70 -23.41 -2.62
CA PHE A 55 -0.79 -24.41 -1.56
C PHE A 55 -1.02 -23.73 -0.22
N LEU A 56 -0.30 -22.65 0.05
CA LEU A 56 -0.53 -21.86 1.27
C LEU A 56 -2.01 -21.44 1.33
N LYS A 57 -2.56 -20.93 0.22
CA LYS A 57 -3.94 -20.48 0.22
C LYS A 57 -4.91 -21.65 0.39
N LYS A 58 -4.56 -22.83 -0.14
N LYS A 58 -4.58 -22.82 -0.14
CA LYS A 58 -5.38 -24.01 0.00
CA LYS A 58 -5.46 -23.97 0.06
C LYS A 58 -5.45 -24.48 1.45
C LYS A 58 -5.52 -24.37 1.52
N CYS A 59 -4.37 -24.28 2.19
CA CYS A 59 -4.25 -24.76 3.56
C CYS A 59 -4.81 -23.77 4.59
N ILE A 60 -4.57 -22.49 4.34
CA ILE A 60 -4.89 -21.41 5.29
C ILE A 60 -6.22 -20.75 4.91
N LYS A 61 -7.14 -20.70 5.87
CA LYS A 61 -8.47 -20.19 5.57
C LYS A 61 -8.42 -18.73 5.17
N ASN A 62 -9.31 -18.36 4.25
CA ASN A 62 -9.23 -17.06 3.60
C ASN A 62 -9.54 -15.91 4.56
N GLY A 63 -8.91 -14.76 4.28
CA GLY A 63 -9.05 -13.62 5.16
C GLY A 63 -7.78 -12.83 5.21
N PRO A 64 -7.68 -11.85 6.12
CA PRO A 64 -6.49 -11.00 6.17
C PRO A 64 -5.19 -11.69 6.55
N TYR A 65 -5.25 -12.71 7.41
CA TYR A 65 -4.05 -13.48 7.70
C TYR A 65 -3.54 -14.18 6.41
N GLU A 66 -4.45 -14.83 5.68
CA GLU A 66 -4.03 -15.43 4.41
C GLU A 66 -3.48 -14.35 3.46
N ASP A 67 -4.15 -13.21 3.39
CA ASP A 67 -3.75 -12.14 2.48
C ASP A 67 -2.32 -11.67 2.76
N VAL A 68 -2.00 -11.39 4.03
CA VAL A 68 -0.68 -10.86 4.34
C VAL A 68 0.40 -11.89 4.03
N MET A 69 0.10 -13.16 4.27
CA MET A 69 1.05 -14.23 3.97
C MET A 69 1.22 -14.45 2.46
N ALA A 70 0.10 -14.48 1.73
CA ALA A 70 0.17 -14.69 0.29
C ALA A 70 0.85 -13.55 -0.44
N LEU A 71 0.57 -12.31 0.00
CA LEU A 71 1.25 -11.16 -0.58
C LEU A 71 2.71 -11.12 -0.15
N GLY A 72 2.97 -11.32 1.13
CA GLY A 72 4.33 -11.21 1.66
C GLY A 72 5.27 -12.28 1.10
N TRP A 73 4.77 -13.49 0.86
CA TRP A 73 5.60 -14.55 0.27
C TRP A 73 5.89 -14.39 -1.23
N ASP A 74 5.08 -13.58 -1.92
CA ASP A 74 5.24 -13.45 -3.36
C ASP A 74 6.34 -12.44 -3.70
N CYS A 75 6.75 -12.41 -4.98
N CYS A 75 6.78 -12.41 -4.96
CA CYS A 75 7.55 -11.30 -5.49
CA CYS A 75 7.61 -11.28 -5.39
C CYS A 75 6.70 -10.02 -5.55
C CYS A 75 6.72 -10.04 -5.47
N ASN A 76 7.33 -8.87 -5.26
CA ASN A 76 6.58 -7.65 -5.05
C ASN A 76 5.77 -7.21 -6.28
N ILE A 77 6.36 -7.34 -7.48
CA ILE A 77 5.65 -6.88 -8.65
C ILE A 77 4.44 -7.77 -8.93
N SER A 78 4.60 -9.08 -8.77
CA SER A 78 3.48 -10.02 -8.92
C SER A 78 2.36 -9.70 -7.94
N ALA A 79 2.75 -9.40 -6.70
CA ALA A 79 1.77 -9.02 -5.68
C ALA A 79 0.99 -7.78 -6.12
N ARG A 80 1.71 -6.77 -6.64
CA ARG A 80 1.04 -5.55 -7.11
C ARG A 80 0.06 -5.85 -8.24
N VAL A 81 0.47 -6.69 -9.21
CA VAL A 81 -0.45 -7.05 -10.28
C VAL A 81 -1.72 -7.70 -9.71
N ASN A 82 -1.54 -8.63 -8.77
CA ASN A 82 -2.69 -9.30 -8.17
C ASN A 82 -3.62 -8.32 -7.46
N VAL A 83 -3.05 -7.37 -6.74
CA VAL A 83 -3.82 -6.38 -6.02
C VAL A 83 -4.64 -5.53 -7.00
N ILE A 84 -4.03 -5.06 -8.10
CA ILE A 84 -4.79 -4.25 -9.08
C ILE A 84 -5.94 -5.05 -9.67
N LYS A 85 -5.66 -6.29 -10.08
CA LYS A 85 -6.74 -7.10 -10.66
C LYS A 85 -7.92 -7.28 -9.68
N LYS A 86 -7.62 -7.59 -8.41
CA LYS A 86 -8.67 -7.75 -7.42
C LYS A 86 -9.43 -6.44 -7.21
N ALA A 87 -8.68 -5.36 -7.18
CA ALA A 87 -9.27 -4.05 -6.92
C ALA A 87 -10.25 -3.64 -8.01
N MET A 88 -10.02 -4.10 -9.24
CA MET A 88 -10.82 -3.64 -10.38
C MET A 88 -11.88 -4.64 -10.83
N LYS A 89 -11.88 -5.81 -10.23
CA LYS A 89 -12.77 -6.89 -10.65
C LYS A 89 -14.25 -6.49 -10.55
N ASN A 90 -14.63 -5.89 -9.43
CA ASN A 90 -16.00 -5.42 -9.22
C ASN A 90 -15.95 -3.90 -9.05
N VAL A 91 -16.61 -3.32 -8.06
CA VAL A 91 -16.52 -1.85 -7.92
C VAL A 91 -15.05 -1.50 -7.62
N ASN A 92 -14.50 -0.51 -8.31
CA ASN A 92 -13.09 -0.18 -8.12
C ASN A 92 -12.77 0.15 -6.67
N ASP A 93 -11.79 -0.55 -6.13
CA ASP A 93 -11.27 -0.26 -4.79
C ASP A 93 -10.11 0.70 -4.98
N PHE A 94 -10.41 2.00 -4.94
CA PHE A 94 -9.38 2.98 -5.13
C PHE A 94 -8.30 2.90 -4.05
N ARG A 95 -8.65 2.50 -2.83
CA ARG A 95 -7.61 2.44 -1.80
C ARG A 95 -6.47 1.50 -2.26
N ALA A 96 -6.86 0.35 -2.81
CA ALA A 96 -5.90 -0.66 -3.22
C ALA A 96 -5.13 -0.21 -4.48
N ILE A 97 -5.83 0.38 -5.46
CA ILE A 97 -5.14 0.87 -6.65
C ILE A 97 -4.14 1.96 -6.27
N HIS A 98 -4.56 2.87 -5.41
CA HIS A 98 -3.69 3.95 -4.97
C HIS A 98 -2.44 3.43 -4.29
N ASP A 99 -2.62 2.46 -3.40
CA ASP A 99 -1.45 1.90 -2.70
C ASP A 99 -0.40 1.44 -3.72
N VAL A 100 -0.87 0.76 -4.75
CA VAL A 100 0.00 0.22 -5.76
C VAL A 100 0.66 1.27 -6.65
N VAL A 101 -0.12 2.23 -7.17
CA VAL A 101 0.44 3.14 -8.16
C VAL A 101 1.00 4.42 -7.59
N LEU A 102 0.56 4.81 -6.39
CA LEU A 102 1.08 6.03 -5.77
C LEU A 102 2.39 5.77 -5.02
N ILE A 103 2.55 4.59 -4.47
CA ILE A 103 3.75 4.28 -3.70
C ILE A 103 4.68 3.46 -4.58
N ALA A 104 5.30 4.18 -5.53
CA ALA A 104 6.02 3.50 -6.61
C ALA A 104 6.97 4.45 -7.28
N THR A 105 8.22 4.00 -7.42
CA THR A 105 9.19 4.73 -8.20
C THR A 105 8.86 4.63 -9.69
N PRO A 106 9.45 5.49 -10.54
CA PRO A 106 9.23 5.27 -11.98
C PRO A 106 9.57 3.86 -12.46
N ASP A 107 10.64 3.27 -11.93
CA ASP A 107 11.01 1.92 -12.35
C ASP A 107 10.01 0.88 -11.86
N GLU A 108 9.46 1.05 -10.64
CA GLU A 108 8.44 0.13 -10.16
C GLU A 108 7.20 0.25 -11.01
N ARG A 109 6.89 1.47 -11.43
CA ARG A 109 5.76 1.72 -12.31
C ARG A 109 5.95 1.01 -13.65
N LEU A 110 7.13 1.14 -14.24
CA LEU A 110 7.44 0.46 -15.50
C LEU A 110 7.37 -1.07 -15.38
N LYS A 111 7.95 -1.61 -14.31
CA LYS A 111 7.92 -3.04 -14.11
C LYS A 111 6.49 -3.54 -13.88
N LEU A 112 5.68 -2.78 -13.15
CA LEU A 112 4.27 -3.15 -12.97
C LEU A 112 3.57 -3.15 -14.32
N ALA A 113 3.77 -2.12 -15.13
CA ALA A 113 3.11 -2.05 -16.45
C ALA A 113 3.45 -3.27 -17.29
N GLN A 114 4.73 -3.64 -17.26
CA GLN A 114 5.19 -4.77 -18.05
C GLN A 114 4.60 -6.07 -17.57
N ALA A 115 4.61 -6.28 -16.26
CA ALA A 115 4.08 -7.49 -15.66
C ALA A 115 2.58 -7.59 -15.85
N TYR A 116 1.90 -6.46 -15.73
CA TYR A 116 0.47 -6.43 -15.89
C TYR A 116 0.05 -6.81 -17.32
N LYS A 117 0.77 -6.25 -18.29
CA LYS A 117 0.54 -6.57 -19.71
C LYS A 117 0.84 -8.05 -19.99
N GLU A 118 1.92 -8.56 -19.43
CA GLU A 118 2.28 -9.97 -19.64
C GLU A 118 1.20 -10.88 -19.03
N LYS A 119 0.67 -10.50 -17.86
CA LYS A 119 -0.28 -11.35 -17.15
C LYS A 119 -1.69 -11.31 -17.77
N THR A 120 -2.15 -10.12 -18.08
CA THR A 120 -3.53 -9.89 -18.48
C THR A 120 -3.73 -9.79 -19.98
N GLY A 121 -2.64 -9.52 -20.72
CA GLY A 121 -2.72 -9.23 -22.14
C GLY A 121 -3.18 -7.83 -22.49
N ASN A 122 -3.50 -7.03 -21.46
CA ASN A 122 -3.92 -5.65 -21.63
C ASN A 122 -2.93 -4.70 -21.01
N ASP A 123 -2.76 -3.52 -21.62
CA ASP A 123 -2.00 -2.43 -21.02
C ASP A 123 -2.75 -1.90 -19.81
N LEU A 124 -2.02 -1.70 -18.72
CA LEU A 124 -2.57 -1.12 -17.51
C LEU A 124 -3.29 0.20 -17.77
N LEU A 125 -2.63 1.11 -18.49
CA LEU A 125 -3.23 2.41 -18.78
C LEU A 125 -4.53 2.26 -19.57
N GLN A 126 -4.58 1.32 -20.50
CA GLN A 126 -5.81 1.12 -21.29
C GLN A 126 -6.96 0.60 -20.43
N ASP A 127 -6.63 -0.29 -19.49
CA ASP A 127 -7.64 -0.73 -18.56
C ASP A 127 -8.12 0.41 -17.66
N PHE A 128 -7.21 1.30 -17.25
CA PHE A 128 -7.64 2.51 -16.54
C PHE A 128 -8.55 3.38 -17.41
N VAL A 129 -8.20 3.59 -18.68
CA VAL A 129 -9.02 4.36 -19.60
C VAL A 129 -10.42 3.74 -19.70
N ASP A 130 -10.48 2.42 -19.87
CA ASP A 130 -11.76 1.76 -20.08
C ASP A 130 -12.61 1.64 -18.81
N GLN A 131 -11.96 1.54 -17.65
CA GLN A 131 -12.67 1.13 -16.43
C GLN A 131 -12.72 2.18 -15.31
N ILE A 132 -11.97 3.28 -15.47
CA ILE A 132 -11.92 4.34 -14.46
C ILE A 132 -12.24 5.68 -15.11
N PRO A 133 -13.53 6.05 -15.10
CA PRO A 133 -13.91 7.38 -15.62
C PRO A 133 -13.19 8.46 -14.83
N LEU A 134 -12.87 9.54 -15.54
CA LEU A 134 -12.18 10.68 -14.91
C LEU A 134 -13.15 11.68 -14.33
N THR A 135 -13.36 11.56 -13.03
CA THR A 135 -14.33 12.43 -12.35
C THR A 135 -13.65 12.98 -11.09
N SER A 136 -13.31 12.08 -10.19
CA SER A 136 -12.88 12.43 -8.86
C SER A 136 -11.37 12.61 -8.76
N ALA A 137 -10.92 13.19 -7.65
CA ALA A 137 -9.48 13.18 -7.36
C ALA A 137 -8.95 11.76 -7.40
N ALA A 138 -9.71 10.81 -6.83
CA ALA A 138 -9.27 9.42 -6.80
C ALA A 138 -9.00 8.87 -8.20
N SER A 139 -9.88 9.18 -9.12
CA SER A 139 -9.69 8.73 -10.51
C SER A 139 -8.51 9.39 -11.21
N TYR A 140 -8.37 10.70 -11.05
CA TYR A 140 -7.22 11.39 -11.59
C TYR A 140 -5.92 10.86 -11.02
N LEU A 141 -5.87 10.52 -9.73
CA LEU A 141 -4.65 9.97 -9.14
C LEU A 141 -4.24 8.70 -9.88
N CYS A 142 -5.23 7.85 -10.20
CA CYS A 142 -4.91 6.58 -10.85
C CYS A 142 -4.24 6.83 -12.21
N HIS A 143 -4.90 7.65 -13.03
CA HIS A 143 -4.41 7.89 -14.38
C HIS A 143 -3.09 8.66 -14.39
N LEU A 144 -3.05 9.76 -13.65
CA LEU A 144 -1.86 10.62 -13.72
C LEU A 144 -0.64 9.96 -13.08
N ALA A 145 -0.85 9.13 -12.07
CA ALA A 145 0.27 8.41 -11.45
C ALA A 145 1.04 7.60 -12.48
N ILE A 146 0.34 6.99 -13.42
CA ILE A 146 1.02 6.15 -14.39
C ILE A 146 1.43 6.89 -15.67
N ARG A 147 0.83 8.05 -15.93
CA ARG A 147 1.12 8.83 -17.15
C ARG A 147 2.20 9.87 -16.99
N GLU A 148 2.27 10.50 -15.81
CA GLU A 148 3.05 11.73 -15.67
C GLU A 148 4.35 11.54 -14.92
N ASN A 149 5.34 12.33 -15.31
CA ASN A 149 6.64 12.33 -14.68
C ASN A 149 6.80 13.56 -13.81
N ARG A 150 7.81 13.51 -12.94
N ARG A 150 7.88 13.56 -13.04
CA ARG A 150 8.17 14.62 -12.07
CA ARG A 150 8.16 14.68 -12.15
C ARG A 150 9.17 15.54 -12.80
C ARG A 150 9.24 15.57 -12.72
N THR A 151 8.94 16.86 -12.78
CA THR A 151 9.82 17.83 -13.40
C THR A 151 9.76 19.11 -12.57
N PRO A 152 10.91 19.78 -12.44
CA PRO A 152 10.88 21.05 -11.70
C PRO A 152 10.05 22.10 -12.41
N ARG A 153 9.39 22.97 -11.63
CA ARG A 153 8.64 24.10 -12.20
C ARG A 153 9.21 25.45 -11.82
N GLY A 154 10.01 25.52 -10.76
CA GLY A 154 10.56 26.81 -10.36
C GLY A 154 9.48 27.80 -9.94
N SER A 155 8.38 27.29 -9.41
CA SER A 155 7.25 28.14 -9.01
C SER A 155 6.72 27.73 -7.63
N VAL A 156 7.59 27.65 -6.63
CA VAL A 156 7.27 27.04 -5.34
C VAL A 156 6.20 27.88 -4.66
N ALA A 157 6.36 29.21 -4.65
CA ALA A 157 5.38 30.08 -3.96
C ALA A 157 4.01 29.97 -4.58
N SER A 158 3.97 30.08 -5.91
CA SER A 158 2.69 30.02 -6.57
C SER A 158 2.04 28.64 -6.46
N ASP A 159 2.83 27.57 -6.43
CA ASP A 159 2.29 26.23 -6.27
C ASP A 159 1.66 26.05 -4.89
N ALA A 160 2.30 26.59 -3.87
CA ALA A 160 1.69 26.59 -2.54
C ALA A 160 0.34 27.34 -2.52
N GLU A 161 0.26 28.45 -3.25
CA GLU A 161 -0.96 29.20 -3.37
C GLU A 161 -2.04 28.40 -4.13
N VAL A 162 -1.66 27.63 -5.14
CA VAL A 162 -2.60 26.79 -5.88
C VAL A 162 -3.21 25.77 -4.89
N LEU A 163 -2.38 25.17 -4.04
CA LEU A 163 -2.91 24.26 -3.05
C LEU A 163 -3.82 24.96 -2.03
N LYS A 164 -3.43 26.13 -1.53
CA LYS A 164 -4.30 26.84 -0.60
C LYS A 164 -5.62 27.18 -1.28
N HIS A 165 -5.55 27.69 -2.50
CA HIS A 165 -6.76 28.10 -3.17
C HIS A 165 -7.74 26.95 -3.36
N ASN A 166 -7.21 25.83 -3.87
CA ASN A 166 -8.08 24.70 -4.16
C ASN A 166 -8.51 23.94 -2.94
N LEU A 167 -7.62 23.77 -1.97
CA LEU A 167 -7.96 22.97 -0.79
C LEU A 167 -8.76 23.71 0.25
N ILE A 168 -8.55 25.02 0.36
CA ILE A 168 -9.16 25.78 1.44
C ILE A 168 -10.18 26.80 0.94
N ASP A 169 -9.81 27.60 -0.06
CA ASP A 169 -10.56 28.80 -0.39
C ASP A 169 -11.70 28.64 -1.38
N ALA A 170 -11.49 27.81 -2.41
CA ALA A 170 -12.45 27.70 -3.53
C ALA A 170 -13.75 27.05 -3.10
N ASP A 171 -14.87 27.37 -3.76
CA ASP A 171 -16.12 26.64 -3.52
C ASP A 171 -15.90 25.16 -3.78
N GLU A 172 -15.22 24.84 -4.88
CA GLU A 172 -14.89 23.44 -5.22
C GLU A 172 -13.48 23.37 -5.75
N PRO A 173 -12.72 22.35 -5.33
CA PRO A 173 -11.36 22.22 -5.86
C PRO A 173 -11.35 21.84 -7.33
N ASP A 174 -10.31 22.29 -8.04
CA ASP A 174 -10.00 21.77 -9.38
C ASP A 174 -9.20 20.49 -9.12
N HIS A 175 -9.90 19.36 -9.10
CA HIS A 175 -9.27 18.10 -8.70
C HIS A 175 -8.08 17.75 -9.58
N GLU A 176 -8.25 17.92 -10.89
CA GLU A 176 -7.18 17.60 -11.81
C GLU A 176 -5.94 18.45 -11.55
N ALA A 177 -6.14 19.75 -11.32
CA ALA A 177 -5.00 20.64 -11.07
C ALA A 177 -4.26 20.23 -9.79
N VAL A 178 -5.02 19.85 -8.74
CA VAL A 178 -4.39 19.47 -7.49
C VAL A 178 -3.59 18.19 -7.66
N VAL A 179 -4.19 17.19 -8.29
CA VAL A 179 -3.52 15.93 -8.50
C VAL A 179 -2.29 16.15 -9.37
N ARG A 180 -2.42 16.89 -10.47
CA ARG A 180 -1.29 17.10 -11.36
C ARG A 180 -0.15 17.77 -10.62
N LEU A 181 -0.49 18.80 -9.83
CA LEU A 181 0.57 19.49 -9.05
C LEU A 181 1.36 18.53 -8.19
N ILE A 182 0.63 17.72 -7.41
CA ILE A 182 1.29 16.82 -6.48
C ILE A 182 2.08 15.73 -7.21
N ILE A 183 1.43 15.07 -8.18
CA ILE A 183 2.04 13.94 -8.87
C ILE A 183 3.28 14.30 -9.70
N THR A 184 3.33 15.53 -10.21
CA THR A 184 4.45 15.93 -11.05
C THR A 184 5.53 16.70 -10.31
N SER A 185 5.40 16.89 -9.00
CA SER A 185 6.42 17.63 -8.25
C SER A 185 7.62 16.78 -8.01
N THR A 186 8.80 17.39 -8.18
CA THR A 186 9.99 16.74 -7.67
C THR A 186 9.99 16.75 -6.13
N ALA A 187 10.75 15.84 -5.54
CA ALA A 187 10.85 15.81 -4.08
C ALA A 187 11.44 17.11 -3.54
N ASP A 188 12.46 17.63 -4.21
CA ASP A 188 13.10 18.85 -3.73
C ASP A 188 12.13 20.02 -3.74
N GLU A 189 11.44 20.24 -4.85
CA GLU A 189 10.50 21.34 -4.90
C GLU A 189 9.31 21.11 -3.97
N TYR A 190 8.83 19.87 -3.88
CA TYR A 190 7.67 19.63 -3.04
C TYR A 190 7.93 19.88 -1.55
N LYS A 191 9.14 19.56 -1.08
CA LYS A 191 9.47 19.85 0.31
C LYS A 191 9.28 21.36 0.56
N GLU A 192 9.72 22.17 -0.41
CA GLU A 192 9.57 23.61 -0.29
C GLU A 192 8.11 24.09 -0.41
N ILE A 193 7.34 23.47 -1.33
CA ILE A 193 5.93 23.79 -1.50
C ILE A 193 5.17 23.50 -0.22
N ASN A 194 5.47 22.33 0.37
CA ASN A 194 4.85 21.91 1.60
C ASN A 194 5.11 22.90 2.73
N HIS A 195 6.36 23.30 2.90
CA HIS A 195 6.68 24.25 3.93
C HIS A 195 5.96 25.57 3.71
N ARG A 196 5.97 26.05 2.46
CA ARG A 196 5.32 27.34 2.16
C ARG A 196 3.82 27.25 2.46
N PHE A 197 3.20 26.11 2.14
CA PHE A 197 1.78 25.95 2.42
C PHE A 197 1.53 26.07 3.92
N GLU A 198 2.37 25.45 4.73
CA GLU A 198 2.19 25.48 6.19
C GLU A 198 2.33 26.91 6.70
N VAL A 199 3.28 27.67 6.14
CA VAL A 199 3.47 29.04 6.55
C VAL A 199 2.27 29.89 6.14
N LEU A 200 1.83 29.72 4.90
CA LEU A 200 0.70 30.49 4.36
C LEU A 200 -0.63 30.26 5.10
N THR A 201 -0.86 29.02 5.53
CA THR A 201 -2.19 28.66 6.01
C THR A 201 -2.28 28.35 7.50
N GLY A 202 -1.14 28.04 8.10
CA GLY A 202 -1.12 27.52 9.46
C GLY A 202 -1.66 26.11 9.59
N LYS A 203 -1.80 25.42 8.47
CA LYS A 203 -2.30 24.06 8.43
C LYS A 203 -1.33 23.15 7.72
N SER A 204 -1.37 21.87 8.09
CA SER A 204 -0.73 20.85 7.28
C SER A 204 -1.57 20.60 6.02
N VAL A 205 -0.87 20.14 4.98
CA VAL A 205 -1.54 19.74 3.76
C VAL A 205 -2.49 18.60 4.07
N GLN A 206 -2.06 17.65 4.90
CA GLN A 206 -2.94 16.53 5.28
C GLN A 206 -4.26 17.05 5.84
N GLU A 207 -4.18 17.99 6.79
CA GLU A 207 -5.38 18.49 7.42
C GLU A 207 -6.28 19.17 6.40
N ALA A 208 -5.67 19.98 5.54
CA ALA A 208 -6.43 20.68 4.50
C ALA A 208 -7.12 19.69 3.56
N ILE A 209 -6.41 18.65 3.14
CA ILE A 209 -7.04 17.63 2.31
C ILE A 209 -8.20 16.94 3.04
N GLU A 210 -7.97 16.51 4.27
CA GLU A 210 -8.95 15.71 4.97
C GLU A 210 -10.18 16.53 5.32
N THR A 211 -10.00 17.83 5.50
CA THR A 211 -11.15 18.71 5.72
C THR A 211 -11.98 18.89 4.44
N ARG A 212 -11.27 19.05 3.32
CA ARG A 212 -11.95 19.34 2.05
C ARG A 212 -12.67 18.14 1.46
N TYR A 213 -12.00 16.98 1.50
CA TYR A 213 -12.51 15.81 0.78
C TYR A 213 -13.24 14.89 1.71
N ALA A 214 -14.58 14.99 1.68
CA ALA A 214 -15.42 14.18 2.57
C ALA A 214 -15.42 12.71 2.19
N ASP A 215 -15.22 12.41 0.92
CA ASP A 215 -15.08 11.02 0.46
C ASP A 215 -13.70 10.50 0.92
N LYS A 216 -13.72 9.44 1.69
CA LYS A 216 -12.53 8.95 2.35
C LYS A 216 -11.46 8.42 1.39
N GLU A 217 -11.89 7.80 0.29
CA GLU A 217 -10.97 7.31 -0.71
C GLU A 217 -10.24 8.45 -1.34
N ASN A 218 -10.97 9.52 -1.67
N ASN A 218 -10.93 9.54 -1.63
CA ASN A 218 -10.36 10.72 -2.24
CA ASN A 218 -10.26 10.66 -2.24
C ASN A 218 -9.31 11.31 -1.30
C ASN A 218 -9.28 11.34 -1.29
N ALA A 219 -9.72 11.57 -0.05
CA ALA A 219 -8.82 12.22 0.92
C ALA A 219 -7.57 11.38 1.14
N ARG A 220 -7.80 10.09 1.34
CA ARG A 220 -6.70 9.18 1.60
C ARG A 220 -5.71 9.14 0.44
N GLY A 221 -6.24 9.07 -0.79
CA GLY A 221 -5.35 8.97 -1.95
C GLY A 221 -4.49 10.23 -2.14
N LEU A 222 -5.13 11.39 -1.97
CA LEU A 222 -4.37 12.63 -2.07
C LEU A 222 -3.32 12.72 -0.99
N CYS A 223 -3.66 12.30 0.23
CA CYS A 223 -2.66 12.33 1.30
C CYS A 223 -1.50 11.38 1.02
N ILE A 224 -1.78 10.22 0.42
CA ILE A 224 -0.72 9.28 0.09
C ILE A 224 0.24 9.91 -0.94
N ALA A 225 -0.32 10.50 -1.98
CA ALA A 225 0.51 11.12 -3.01
C ALA A 225 1.35 12.27 -2.44
N HIS A 226 0.72 13.10 -1.62
CA HIS A 226 1.39 14.18 -0.88
C HIS A 226 2.54 13.64 -0.05
N TYR A 227 2.25 12.66 0.80
CA TYR A 227 3.29 12.15 1.69
C TYR A 227 4.41 11.45 0.93
N TYR A 228 4.09 10.78 -0.19
CA TYR A 228 5.10 10.09 -0.97
C TYR A 228 6.20 11.06 -1.41
N ASN A 229 5.77 12.26 -1.78
CA ASN A 229 6.71 13.30 -2.18
C ASN A 229 7.70 13.69 -1.06
N LEU A 230 7.20 13.67 0.17
CA LEU A 230 8.03 13.99 1.32
C LEU A 230 8.98 12.83 1.68
N ALA A 231 8.47 11.60 1.69
CA ALA A 231 9.29 10.40 1.78
C ALA A 231 8.42 9.20 1.44
N PRO A 232 8.88 8.30 0.58
CA PRO A 232 8.07 7.12 0.28
C PRO A 232 7.54 6.39 1.51
N ALA A 233 8.37 6.23 2.53
CA ALA A 233 7.92 5.47 3.70
C ALA A 233 6.91 6.22 4.54
N ARG A 234 6.89 7.55 4.38
CA ARG A 234 5.88 8.38 5.03
C ARG A 234 4.49 8.12 4.44
N ALA A 235 4.44 7.93 3.11
CA ALA A 235 3.18 7.56 2.47
C ALA A 235 2.69 6.21 3.03
N VAL A 236 3.63 5.27 3.19
CA VAL A 236 3.27 3.98 3.74
C VAL A 236 2.77 4.12 5.18
N ALA A 237 3.48 4.92 5.99
CA ALA A 237 3.05 5.16 7.36
C ALA A 237 1.65 5.76 7.40
N TYR A 238 1.37 6.76 6.56
CA TYR A 238 0.02 7.37 6.53
C TYR A 238 -1.03 6.32 6.16
N ALA A 239 -0.75 5.52 5.14
CA ALA A 239 -1.69 4.51 4.69
C ALA A 239 -1.97 3.52 5.83
N PHE A 240 -0.92 3.15 6.56
CA PHE A 240 -1.07 2.23 7.67
C PHE A 240 -1.92 2.83 8.78
N HIS A 241 -1.66 4.11 9.07
N HIS A 241 -1.64 4.09 9.09
CA HIS A 241 -2.48 4.89 10.02
CA HIS A 241 -2.40 4.75 10.14
C HIS A 241 -3.95 4.88 9.59
C HIS A 241 -3.88 4.91 9.74
N SER A 242 -4.17 5.13 8.30
N SER A 242 -4.12 5.13 8.44
CA SER A 242 -5.52 5.18 7.77
CA SER A 242 -5.49 5.18 7.95
C SER A 242 -6.25 3.84 7.97
C SER A 242 -6.20 3.85 8.16
N ALA A 243 -5.50 2.74 7.93
CA ALA A 243 -6.05 1.41 8.19
C ALA A 243 -6.36 1.23 9.68
N VAL A 244 -5.38 1.59 10.51
CA VAL A 244 -5.56 1.46 11.96
C VAL A 244 -6.80 2.19 12.51
N GLU A 245 -7.01 3.40 11.99
CA GLU A 245 -8.12 4.23 12.45
C GLU A 245 -9.46 3.90 11.79
N THR A 246 -9.46 2.95 10.85
CA THR A 246 -10.72 2.52 10.24
C THR A 246 -11.49 1.69 11.26
N GLN A 247 -12.76 2.07 11.50
CA GLN A 247 -13.60 1.43 12.51
C GLN A 247 -14.02 0.01 12.12
N ASN A 248 -14.28 -0.20 10.83
CA ASN A 248 -14.73 -1.49 10.35
C ASN A 248 -13.55 -2.46 10.33
N ASP A 249 -13.63 -3.52 11.14
CA ASP A 249 -12.50 -4.44 11.22
C ASP A 249 -12.17 -5.11 9.88
N ASP A 250 -13.18 -5.52 9.13
CA ASP A 250 -12.88 -6.21 7.88
C ASP A 250 -12.03 -5.32 7.00
N MET A 251 -12.43 -4.05 6.93
CA MET A 251 -11.65 -3.10 6.10
C MET A 251 -10.26 -2.78 6.70
N ALA A 252 -10.23 -2.53 8.01
CA ALA A 252 -8.96 -2.17 8.64
C ALA A 252 -7.94 -3.30 8.44
N TYR A 253 -8.36 -4.55 8.65
CA TYR A 253 -7.44 -5.65 8.56
C TYR A 253 -7.06 -5.93 7.10
N GLU A 254 -8.03 -5.79 6.20
CA GLU A 254 -7.74 -5.92 4.78
C GLU A 254 -6.66 -4.94 4.32
N GLN A 255 -6.85 -3.68 4.67
CA GLN A 255 -5.88 -2.64 4.30
C GLN A 255 -4.52 -2.88 4.95
N ALA A 256 -4.52 -3.20 6.25
CA ALA A 256 -3.27 -3.40 6.94
C ALA A 256 -2.50 -4.60 6.33
N ALA A 257 -3.24 -5.66 5.98
CA ALA A 257 -2.62 -6.84 5.37
C ALA A 257 -1.96 -6.47 4.04
N ARG A 258 -2.64 -5.69 3.21
CA ARG A 258 -2.08 -5.31 1.93
C ARG A 258 -0.85 -4.41 2.05
N ILE A 259 -0.98 -3.38 2.87
CA ILE A 259 0.12 -2.44 3.08
C ILE A 259 1.34 -3.18 3.63
N THR A 260 1.12 -4.05 4.61
CA THR A 260 2.22 -4.83 5.15
C THR A 260 2.84 -5.74 4.10
N GLY A 261 2.00 -6.50 3.40
CA GLY A 261 2.50 -7.45 2.41
C GLY A 261 3.32 -6.78 1.33
N LEU A 262 2.82 -5.65 0.84
CA LEU A 262 3.52 -4.94 -0.24
C LEU A 262 4.80 -4.19 0.17
N PHE A 263 4.77 -3.59 1.37
CA PHE A 263 5.76 -2.57 1.67
C PHE A 263 6.66 -2.84 2.86
N HIS A 264 6.48 -3.99 3.52
CA HIS A 264 7.25 -4.22 4.75
C HIS A 264 8.77 -4.21 4.54
N ASP A 265 9.23 -4.67 3.37
CA ASP A 265 10.66 -4.60 3.09
C ASP A 265 11.04 -3.29 2.41
N LEU A 266 10.30 -2.94 1.36
CA LEU A 266 10.67 -1.79 0.54
C LEU A 266 10.68 -0.50 1.34
N HIS A 267 9.76 -0.43 2.30
CA HIS A 267 9.57 0.77 3.13
C HIS A 267 9.63 0.43 4.59
N LYS A 268 10.69 -0.34 4.94
CA LYS A 268 10.91 -0.86 6.27
C LYS A 268 10.92 0.19 7.37
N PHE A 269 11.27 1.45 7.04
CA PHE A 269 11.26 2.52 8.04
C PHE A 269 9.96 3.29 8.15
N ALA A 270 8.87 2.71 7.65
CA ALA A 270 7.57 3.35 7.87
C ALA A 270 7.35 3.70 9.35
N TRP A 271 7.85 2.87 10.26
CA TRP A 271 7.66 3.11 11.71
C TRP A 271 8.24 4.45 12.17
N VAL A 272 9.27 4.93 11.48
CA VAL A 272 9.86 6.25 11.80
C VAL A 272 8.82 7.33 11.63
N HIS A 273 8.15 7.31 10.48
CA HIS A 273 7.15 8.31 10.18
C HIS A 273 5.86 8.09 10.90
N TYR A 274 5.59 6.85 11.26
CA TYR A 274 4.35 6.55 11.97
C TYR A 274 4.33 7.21 13.34
N ALA A 275 5.51 7.49 13.88
CA ALA A 275 5.66 8.03 15.23
C ALA A 275 4.85 9.32 15.49
N CYS A 276 4.53 10.05 14.41
CA CYS A 276 3.57 11.17 14.35
C CYS A 276 2.31 10.80 15.16
N TRP A 277 1.86 9.58 14.93
CA TRP A 277 0.53 9.11 15.39
C TRP A 277 0.59 8.20 16.60
N GLY A 278 1.71 7.55 16.79
CA GLY A 278 1.88 6.65 17.88
C GLY A 278 3.08 5.79 17.62
N VAL A 279 3.30 4.84 18.50
CA VAL A 279 4.36 3.89 18.33
C VAL A 279 3.78 2.77 17.47
N MET A 280 4.32 2.56 16.27
CA MET A 280 3.73 1.58 15.36
C MET A 280 3.60 0.20 15.98
N ARG A 281 4.65 -0.27 16.65
CA ARG A 281 4.59 -1.55 17.31
C ARG A 281 3.44 -1.61 18.31
N ASP A 282 3.34 -0.60 19.15
CA ASP A 282 2.30 -0.58 20.18
C ASP A 282 0.88 -0.52 19.58
N ASP A 283 0.73 0.21 18.50
CA ASP A 283 -0.57 0.34 17.88
C ASP A 283 -1.01 -0.91 17.12
N ILE A 284 -0.06 -1.64 16.54
CA ILE A 284 -0.40 -2.92 15.96
C ILE A 284 -0.94 -3.85 17.05
N LEU A 285 -0.23 -3.88 18.18
CA LEU A 285 -0.63 -4.71 19.33
C LEU A 285 -2.01 -4.33 19.84
N SER A 286 -2.25 -3.02 19.97
N SER A 286 -2.28 -3.03 19.95
CA SER A 286 -3.53 -2.54 20.52
CA SER A 286 -3.52 -2.62 20.57
C SER A 286 -4.68 -2.73 19.57
C SER A 286 -4.71 -2.55 19.61
N ARG A 287 -4.45 -2.38 18.30
CA ARG A 287 -5.53 -2.29 17.33
C ARG A 287 -6.04 -3.64 16.89
N PHE A 288 -5.13 -4.56 16.62
CA PHE A 288 -5.48 -5.81 15.91
C PHE A 288 -5.68 -6.93 16.92
N GLN A 289 -6.80 -6.87 17.62
N GLN A 289 -6.83 -6.87 17.58
CA GLN A 289 -7.12 -7.81 18.70
CA GLN A 289 -7.17 -7.71 18.71
C GLN A 289 -8.38 -8.65 18.45
C GLN A 289 -8.22 -8.81 18.42
N SER A 290 -8.72 -8.87 17.19
CA SER A 290 -9.93 -9.65 16.88
C SER A 290 -9.85 -11.12 17.25
N LYS A 291 -10.97 -11.69 17.68
CA LYS A 291 -11.06 -13.13 17.97
C LYS A 291 -11.56 -13.93 16.76
N GLU A 292 -11.90 -13.25 15.68
CA GLU A 292 -12.38 -13.94 14.48
C GLU A 292 -11.24 -14.80 13.96
N ALA A 293 -11.59 -16.03 13.58
CA ALA A 293 -10.57 -17.01 13.18
C ALA A 293 -9.60 -16.49 12.12
N ASN A 294 -10.11 -15.77 11.11
CA ASN A 294 -9.25 -15.33 10.01
C ASN A 294 -8.49 -14.06 10.31
N LYS A 295 -8.66 -13.56 11.54
CA LYS A 295 -7.94 -12.37 12.01
C LYS A 295 -7.06 -12.61 13.21
N VAL A 296 -7.31 -13.68 13.96
CA VAL A 296 -6.68 -13.82 15.28
C VAL A 296 -5.14 -13.79 15.23
N ASN A 297 -4.55 -14.34 14.17
CA ASN A 297 -3.09 -14.36 14.05
C ASN A 297 -2.50 -13.26 13.19
N PHE A 298 -3.35 -12.36 12.70
CA PHE A 298 -2.88 -11.27 11.84
C PHE A 298 -1.89 -10.37 12.58
N ARG A 299 -2.20 -10.00 13.83
CA ARG A 299 -1.31 -9.10 14.58
C ARG A 299 0.13 -9.62 14.60
N ASP A 300 0.28 -10.91 14.92
CA ASP A 300 1.60 -11.49 14.99
C ASP A 300 2.29 -11.57 13.63
N ALA A 301 1.53 -11.86 12.59
CA ALA A 301 2.09 -11.83 11.24
C ALA A 301 2.57 -10.42 10.89
N CYS A 302 1.75 -9.44 11.22
CA CYS A 302 2.04 -8.04 10.91
C CYS A 302 3.31 -7.60 11.63
N LEU A 303 3.41 -7.86 12.94
CA LEU A 303 4.63 -7.52 13.68
C LEU A 303 5.88 -8.18 13.07
N MET A 304 5.74 -9.45 12.73
CA MET A 304 6.85 -10.17 12.11
C MET A 304 7.27 -9.52 10.81
N PHE A 305 6.33 -9.23 9.93
CA PHE A 305 6.72 -8.67 8.65
C PHE A 305 7.38 -7.29 8.78
N TRP A 306 6.99 -6.52 9.78
CA TRP A 306 7.55 -5.20 9.98
C TRP A 306 8.77 -5.21 10.88
N LYS A 307 9.18 -6.39 11.35
CA LYS A 307 10.38 -6.49 12.25
C LYS A 307 10.16 -5.68 13.52
N LEU A 308 8.95 -5.77 14.05
CA LEU A 308 8.56 -5.10 15.28
C LEU A 308 8.15 -6.08 16.37
N ALA A 309 8.43 -7.37 16.15
CA ALA A 309 8.04 -8.44 17.09
C ALA A 309 8.95 -8.42 18.29
S SO4 B . 11.27 -9.53 -5.14
O1 SO4 B . 12.35 -8.56 -4.92
O2 SO4 B . 11.75 -10.85 -4.76
O3 SO4 B . 10.06 -9.16 -4.40
O4 SO4 B . 10.96 -9.56 -6.58
S SO4 C . -4.10 12.86 12.13
O1 SO4 C . -5.40 13.53 12.12
O2 SO4 C . -3.84 12.36 13.48
O3 SO4 C . -4.11 11.75 11.19
O4 SO4 C . -3.05 13.81 11.76
#